data_2YMT
#
_entry.id   2YMT
#
_cell.length_a   34.803
_cell.length_b   37.772
_cell.length_c   105.471
_cell.angle_alpha   90.00
_cell.angle_beta   90.00
_cell.angle_gamma   90.00
#
_symmetry.space_group_name_H-M   'P 21 21 21'
#
loop_
_entity.id
_entity.type
_entity.pdbx_description
1 polymer 'AP-1 COMPLEX SUBUNIT GAMMA-LIKE 2'
2 polymer 'PHAGE DISPLAY DERIVED GAMMA 2 ADAPTIN EAR DOMAIN BINDING PEPTIDE'
3 non-polymer 1,3-PROPANDIOL
4 water water
#
loop_
_entity_poly.entity_id
_entity_poly.type
_entity_poly.pdbx_seq_one_letter_code
_entity_poly.pdbx_strand_id
1 'polypeptide(L)'
;GGSAPIPDLKVFEREGVQLNLSFIRPPENPALLLITITATNFSEGDVTHFICQAAVPKSLQLQLQAPSGNTVPARGGLPI
TQLFRILNPNKAPLRLKLRLTYDHFHQSVQEIFEVNNLPVESWQ
;
A
2 'polypeptide(L)' GEEWGPWV(NH2) B
#
loop_
_chem_comp.id
_chem_comp.type
_chem_comp.name
_chem_comp.formula
NH2 non-polymer 'AMINO GROUP' 'H2 N'
PDO non-polymer 1,3-PROPANDIOL 'C3 H8 O2'
#
# COMPACT_ATOMS: atom_id res chain seq x y z
N SER A 3 20.18 -9.51 2.86
CA SER A 3 19.16 -8.47 3.05
C SER A 3 18.58 -8.47 4.47
N ALA A 4 18.68 -7.34 5.17
CA ALA A 4 18.12 -7.20 6.50
C ALA A 4 16.61 -7.05 6.40
N PRO A 5 15.87 -7.69 7.31
CA PRO A 5 14.42 -7.60 7.16
C PRO A 5 13.92 -6.23 7.64
N ILE A 6 12.95 -5.67 6.92
CA ILE A 6 12.28 -4.47 7.38
C ILE A 6 10.88 -4.88 7.85
N PRO A 7 10.49 -4.44 9.06
CA PRO A 7 9.19 -4.82 9.62
C PRO A 7 8.02 -4.28 8.82
N ASP A 8 6.93 -5.05 8.75
CA ASP A 8 5.66 -4.59 8.16
C ASP A 8 5.12 -3.39 8.94
N LEU A 9 4.30 -2.59 8.27
CA LEU A 9 3.60 -1.48 8.92
C LEU A 9 2.10 -1.55 8.66
N LYS A 10 1.30 -1.68 9.71
CA LYS A 10 -0.15 -1.64 9.57
C LYS A 10 -0.54 -0.18 9.37
N VAL A 11 -1.31 0.13 8.33
CA VAL A 11 -1.56 1.55 8.01
C VAL A 11 -3.03 1.98 8.00
N PHE A 12 -3.95 1.03 8.09
CA PHE A 12 -5.38 1.36 8.05
C PHE A 12 -6.23 0.22 8.60
N GLU A 13 -7.26 0.56 9.37
CA GLU A 13 -8.27 -0.42 9.76
C GLU A 13 -9.61 0.28 9.82
N ARG A 14 -10.61 -0.37 9.24
CA ARG A 14 -11.98 0.15 9.33
C ARG A 14 -13.01 -0.98 9.32
N GLU A 15 -13.73 -1.13 10.43
CA GLU A 15 -14.75 -2.16 10.59
C GLU A 15 -14.30 -3.54 10.09
N GLY A 16 -13.07 -3.91 10.43
CA GLY A 16 -12.59 -5.25 10.10
C GLY A 16 -11.76 -5.35 8.85
N VAL A 17 -11.72 -4.29 8.05
CA VAL A 17 -10.88 -4.25 6.84
C VAL A 17 -9.53 -3.65 7.19
N GLN A 18 -8.44 -4.32 6.85
CA GLN A 18 -7.13 -3.78 7.19
C GLN A 18 -6.23 -3.66 5.99
N LEU A 19 -5.35 -2.65 6.02
CA LEU A 19 -4.32 -2.52 5.00
CA LEU A 19 -4.33 -2.46 4.99
C LEU A 19 -2.97 -2.55 5.67
N ASN A 20 -2.06 -3.29 5.07
CA ASN A 20 -0.74 -3.52 5.66
C ASN A 20 0.32 -3.31 4.60
N LEU A 21 1.43 -2.67 4.97
CA LEU A 21 2.56 -2.50 4.06
C LEU A 21 3.71 -3.43 4.42
N SER A 22 4.30 -4.03 3.38
CA SER A 22 5.54 -4.78 3.52
CA SER A 22 5.55 -4.74 3.55
C SER A 22 6.59 -4.14 2.61
N PHE A 23 7.84 -4.16 3.04
CA PHE A 23 8.90 -3.47 2.32
C PHE A 23 10.06 -4.41 1.97
N ILE A 24 10.60 -4.24 0.78
CA ILE A 24 11.80 -4.97 0.38
C ILE A 24 12.76 -3.97 -0.26
N ARG A 25 14.01 -3.98 0.21
CA ARG A 25 15.06 -3.18 -0.43
C ARG A 25 16.09 -4.15 -0.98
N PRO A 26 15.96 -4.53 -2.26
CA PRO A 26 16.94 -5.46 -2.86
C PRO A 26 18.35 -4.88 -2.79
N PRO A 27 19.29 -5.61 -2.17
CA PRO A 27 20.66 -5.13 -2.09
C PRO A 27 21.28 -4.86 -3.45
N GLU A 28 20.89 -5.63 -4.46
CA GLU A 28 21.50 -5.50 -5.79
C GLU A 28 20.99 -4.29 -6.57
N ASN A 29 19.98 -3.60 -6.02
CA ASN A 29 19.53 -2.34 -6.60
C ASN A 29 19.18 -1.36 -5.49
N PRO A 30 20.18 -0.65 -4.96
CA PRO A 30 19.93 0.23 -3.80
C PRO A 30 18.88 1.32 -4.02
N ALA A 31 18.71 1.80 -5.25
CA ALA A 31 17.75 2.87 -5.53
C ALA A 31 16.31 2.36 -5.41
N LEU A 32 16.14 1.06 -5.41
CA LEU A 32 14.81 0.46 -5.52
C LEU A 32 14.17 0.11 -4.18
N LEU A 33 12.89 0.46 -4.03
CA LEU A 33 12.06 0.00 -2.92
C LEU A 33 10.82 -0.68 -3.49
N LEU A 34 10.51 -1.86 -2.96
CA LEU A 34 9.31 -2.57 -3.37
C LEU A 34 8.36 -2.61 -2.19
N ILE A 35 7.21 -1.97 -2.32
CA ILE A 35 6.21 -2.03 -1.26
C ILE A 35 5.05 -2.90 -1.72
N THR A 36 4.63 -3.84 -0.86
CA THR A 36 3.46 -4.63 -1.12
C THR A 36 2.38 -4.18 -0.16
N ILE A 37 1.24 -3.77 -0.70
CA ILE A 37 0.09 -3.52 0.14
C ILE A 37 -0.73 -4.78 0.16
N THR A 38 -1.22 -5.12 1.35
CA THR A 38 -2.03 -6.32 1.53
C THR A 38 -3.32 -5.89 2.23
N ALA A 39 -4.45 -6.24 1.63
CA ALA A 39 -5.76 -5.90 2.20
C ALA A 39 -6.43 -7.16 2.70
N THR A 40 -6.80 -7.16 3.99
CA THR A 40 -7.48 -8.28 4.61
C THR A 40 -8.84 -7.84 5.14
N ASN A 41 -9.70 -8.81 5.44
CA ASN A 41 -11.07 -8.53 5.84
C ASN A 41 -11.54 -9.59 6.83
N PHE A 42 -11.71 -9.19 8.09
CA PHE A 42 -12.19 -10.12 9.12
C PHE A 42 -13.61 -9.79 9.58
N SER A 43 -14.28 -8.93 8.83
CA SER A 43 -15.64 -8.52 9.13
C SER A 43 -16.62 -9.53 8.56
N GLU A 44 -17.90 -9.31 8.83
CA GLU A 44 -18.95 -10.19 8.37
C GLU A 44 -19.43 -9.87 6.95
N GLY A 45 -18.77 -8.95 6.27
CA GLY A 45 -19.24 -8.58 4.94
C GLY A 45 -18.11 -8.44 3.94
N ASP A 46 -18.34 -8.90 2.71
CA ASP A 46 -17.31 -8.83 1.67
C ASP A 46 -16.90 -7.40 1.35
N VAL A 47 -15.62 -7.23 0.98
CA VAL A 47 -15.18 -5.98 0.35
C VAL A 47 -15.20 -6.18 -1.16
N THR A 48 -15.77 -5.23 -1.89
CA THR A 48 -15.82 -5.31 -3.35
C THR A 48 -15.35 -4.01 -4.00
N HIS A 49 -14.98 -4.09 -5.28
CA HIS A 49 -14.55 -2.92 -6.06
C HIS A 49 -13.36 -2.19 -5.43
N PHE A 50 -12.47 -2.93 -4.79
CA PHE A 50 -11.34 -2.32 -4.10
C PHE A 50 -10.32 -1.76 -5.08
N ILE A 51 -9.99 -0.49 -4.92
CA ILE A 51 -8.97 0.17 -5.72
C ILE A 51 -8.09 1.00 -4.82
N CYS A 52 -6.77 0.84 -4.97
CA CYS A 52 -5.83 1.62 -4.20
C CYS A 52 -5.02 2.46 -5.18
N GLN A 53 -4.94 3.76 -4.90
CA GLN A 53 -3.99 4.62 -5.60
C GLN A 53 -3.00 5.18 -4.59
N ALA A 54 -1.83 5.57 -5.08
CA ALA A 54 -0.75 6.02 -4.22
C ALA A 54 -0.03 7.18 -4.88
N ALA A 55 0.67 7.98 -4.07
CA ALA A 55 1.44 9.09 -4.59
C ALA A 55 2.67 9.28 -3.72
N VAL A 56 3.78 9.72 -4.33
CA VAL A 56 5.01 10.00 -3.60
C VAL A 56 5.50 11.39 -3.99
N PRO A 57 6.50 11.93 -3.27
CA PRO A 57 7.01 13.24 -3.69
C PRO A 57 7.57 13.19 -5.12
N LYS A 58 7.56 14.33 -5.78
CA LYS A 58 7.92 14.46 -7.20
C LYS A 58 9.33 13.94 -7.50
N SER A 59 10.21 14.02 -6.51
CA SER A 59 11.59 13.55 -6.64
C SER A 59 11.71 12.03 -6.73
N LEU A 60 10.62 11.32 -6.45
CA LEU A 60 10.64 9.85 -6.51
C LEU A 60 9.78 9.39 -7.67
N GLN A 61 10.03 8.18 -8.15
CA GLN A 61 9.23 7.62 -9.22
C GLN A 61 8.45 6.42 -8.70
N LEU A 62 7.18 6.33 -9.10
CA LEU A 62 6.30 5.29 -8.60
C LEU A 62 5.55 4.59 -9.73
N GLN A 63 5.54 3.27 -9.69
CA GLN A 63 4.74 2.45 -10.61
C GLN A 63 3.91 1.46 -9.81
N LEU A 64 2.69 1.21 -10.25
CA LEU A 64 1.85 0.20 -9.60
C LEU A 64 1.65 -1.00 -10.52
N GLN A 65 1.91 -2.19 -9.98
CA GLN A 65 1.58 -3.41 -10.67
C GLN A 65 0.09 -3.64 -10.50
N ALA A 66 -0.53 -4.37 -11.43
CA ALA A 66 -1.93 -4.71 -11.31
C ALA A 66 -2.16 -5.48 -10.00
N PRO A 67 -3.29 -5.23 -9.34
CA PRO A 67 -3.53 -5.94 -8.06
C PRO A 67 -3.93 -7.39 -8.32
N SER A 68 -3.86 -8.21 -7.28
CA SER A 68 -4.24 -9.62 -7.41
C SER A 68 -5.73 -9.79 -7.66
N GLY A 69 -6.50 -8.75 -7.37
CA GLY A 69 -7.95 -8.81 -7.49
C GLY A 69 -8.62 -7.57 -6.93
N ASN A 70 -9.95 -7.55 -6.91
CA ASN A 70 -10.68 -6.38 -6.41
CA ASN A 70 -10.65 -6.38 -6.38
C ASN A 70 -11.66 -6.72 -5.30
N THR A 71 -11.64 -7.97 -4.83
CA THR A 71 -12.55 -8.40 -3.80
C THR A 71 -11.77 -8.97 -2.62
N VAL A 72 -12.22 -8.68 -1.39
CA VAL A 72 -11.69 -9.39 -0.22
C VAL A 72 -12.85 -10.01 0.54
N PRO A 73 -13.03 -11.33 0.39
CA PRO A 73 -14.15 -12.00 1.06
C PRO A 73 -14.10 -11.87 2.57
N ALA A 74 -15.28 -11.88 3.16
CA ALA A 74 -15.46 -11.77 4.60
C ALA A 74 -14.82 -12.92 5.35
N ARG A 75 -14.67 -12.72 6.65
CA ARG A 75 -14.21 -13.75 7.58
C ARG A 75 -12.85 -14.32 7.22
N GLY A 76 -11.94 -13.43 6.86
CA GLY A 76 -10.56 -13.82 6.62
C GLY A 76 -10.37 -14.47 5.26
N GLY A 77 -11.12 -13.97 4.28
CA GLY A 77 -11.01 -14.45 2.92
C GLY A 77 -9.68 -14.11 2.29
N LEU A 78 -9.49 -14.59 1.05
CA LEU A 78 -8.26 -14.38 0.32
C LEU A 78 -7.90 -12.90 0.27
N PRO A 79 -6.65 -12.55 0.63
CA PRO A 79 -6.33 -11.11 0.60
C PRO A 79 -6.14 -10.59 -0.81
N ILE A 80 -6.14 -9.27 -0.95
CA ILE A 80 -5.65 -8.61 -2.16
C ILE A 80 -4.23 -8.16 -1.88
N THR A 81 -3.35 -8.40 -2.84
CA THR A 81 -2.00 -7.85 -2.77
C THR A 81 -1.76 -6.97 -3.98
N GLN A 82 -0.96 -5.92 -3.80
CA GLN A 82 -0.57 -5.06 -4.91
C GLN A 82 0.82 -4.52 -4.70
N LEU A 83 1.65 -4.60 -5.74
CA LEU A 83 3.05 -4.22 -5.64
C LEU A 83 3.24 -2.78 -6.10
N PHE A 84 3.96 -1.99 -5.30
CA PHE A 84 4.38 -0.65 -5.70
C PHE A 84 5.88 -0.71 -5.97
N ARG A 85 6.32 -0.16 -7.09
CA ARG A 85 7.75 -0.05 -7.39
CA ARG A 85 7.75 -0.05 -7.34
C ARG A 85 8.15 1.42 -7.23
N ILE A 86 9.09 1.69 -6.33
CA ILE A 86 9.56 3.05 -6.10
C ILE A 86 11.07 3.18 -6.33
N LEU A 87 11.45 4.15 -7.16
CA LEU A 87 12.88 4.45 -7.36
C LEU A 87 13.23 5.74 -6.66
N ASN A 88 14.28 5.68 -5.85
CA ASN A 88 14.68 6.78 -4.99
C ASN A 88 16.21 6.86 -4.87
N PRO A 89 16.88 7.18 -5.97
CA PRO A 89 18.34 7.13 -5.99
C PRO A 89 18.97 8.24 -5.16
N ASN A 90 18.27 9.35 -4.99
CA ASN A 90 18.81 10.47 -4.25
C ASN A 90 18.55 10.36 -2.75
N LYS A 91 17.94 9.25 -2.35
CA LYS A 91 17.67 8.96 -0.96
C LYS A 91 16.86 10.09 -0.27
N ALA A 92 15.87 10.61 -0.98
CA ALA A 92 14.97 11.61 -0.40
C ALA A 92 14.09 10.91 0.62
N PRO A 93 13.72 11.62 1.70
CA PRO A 93 12.83 10.99 2.69
C PRO A 93 11.57 10.49 2.01
N LEU A 94 11.21 9.24 2.26
CA LEU A 94 10.04 8.67 1.62
C LEU A 94 8.79 9.23 2.28
N ARG A 95 7.90 9.76 1.45
CA ARG A 95 6.55 10.08 1.89
C ARG A 95 5.58 9.34 1.00
N LEU A 96 4.47 8.91 1.56
CA LEU A 96 3.54 8.09 0.83
C LEU A 96 2.12 8.44 1.23
N LYS A 97 1.30 8.76 0.26
CA LYS A 97 -0.12 8.90 0.56
C LYS A 97 -0.92 7.88 -0.25
N LEU A 98 -2.06 7.47 0.30
CA LEU A 98 -2.89 6.45 -0.30
C LEU A 98 -4.32 6.96 -0.44
N ARG A 99 -5.01 6.49 -1.48
CA ARG A 99 -6.42 6.78 -1.68
C ARG A 99 -7.09 5.45 -1.93
N LEU A 100 -8.00 5.05 -1.02
CA LEU A 100 -8.68 3.78 -1.12
C LEU A 100 -10.14 4.04 -1.44
N THR A 101 -10.69 3.27 -2.38
CA THR A 101 -12.13 3.22 -2.56
C THR A 101 -12.55 1.76 -2.65
N TYR A 102 -13.67 1.43 -2.02
CA TYR A 102 -14.21 0.08 -2.08
C TYR A 102 -15.63 0.10 -1.52
N ASP A 103 -16.37 -0.97 -1.76
CA ASP A 103 -17.70 -1.10 -1.22
C ASP A 103 -17.66 -2.09 -0.09
N HIS A 104 -18.45 -1.87 0.96
CA HIS A 104 -18.43 -2.72 2.13
C HIS A 104 -19.67 -2.39 2.96
N PHE A 105 -20.43 -3.42 3.31
CA PHE A 105 -21.71 -3.24 4.01
C PHE A 105 -22.63 -2.28 3.23
N HIS A 106 -22.54 -2.35 1.90
CA HIS A 106 -23.34 -1.50 1.01
C HIS A 106 -23.05 -0.01 1.23
N GLN A 107 -21.85 0.29 1.69
CA GLN A 107 -21.44 1.68 1.81
C GLN A 107 -20.29 1.92 0.85
N SER A 108 -20.26 3.09 0.22
CA SER A 108 -19.13 3.43 -0.62
C SER A 108 -18.08 4.06 0.27
N VAL A 109 -16.94 3.39 0.38
CA VAL A 109 -15.87 3.87 1.25
C VAL A 109 -14.90 4.70 0.44
N GLN A 110 -14.60 5.91 0.91
CA GLN A 110 -13.53 6.68 0.32
C GLN A 110 -12.59 7.15 1.42
N GLU A 111 -11.35 6.66 1.39
CA GLU A 111 -10.35 7.04 2.40
C GLU A 111 -9.09 7.56 1.74
N ILE A 112 -8.51 8.60 2.31
CA ILE A 112 -7.27 9.18 1.81
C ILE A 112 -6.43 9.61 3.00
N PHE A 113 -5.16 9.27 3.01
CA PHE A 113 -4.31 9.66 4.13
C PHE A 113 -2.85 9.59 3.78
N GLU A 114 -2.05 10.38 4.50
CA GLU A 114 -0.61 10.20 4.44
C GLU A 114 -0.19 9.14 5.45
N VAL A 115 0.71 8.25 5.05
CA VAL A 115 1.22 7.19 5.90
C VAL A 115 2.29 7.74 6.83
N ASN A 116 2.04 7.66 8.13
CA ASN A 116 3.04 8.03 9.13
C ASN A 116 3.87 6.83 9.58
N ASN A 117 4.99 7.10 10.21
CA ASN A 117 5.84 6.05 10.76
C ASN A 117 6.44 5.12 9.71
N LEU A 118 6.63 5.62 8.49
CA LEU A 118 7.40 4.86 7.51
C LEU A 118 8.81 4.63 8.05
N PRO A 119 9.27 3.38 8.04
CA PRO A 119 10.62 3.08 8.54
C PRO A 119 11.69 3.82 7.73
N VAL A 120 12.74 4.32 8.40
CA VAL A 120 13.80 5.02 7.68
C VAL A 120 14.53 4.07 6.72
N GLU A 121 14.50 2.78 7.04
CA GLU A 121 15.12 1.75 6.21
C GLU A 121 14.50 1.67 4.80
N SER A 122 13.28 2.19 4.64
CA SER A 122 12.61 2.15 3.35
C SER A 122 13.15 3.18 2.35
N TRP A 123 14.05 4.06 2.79
CA TRP A 123 14.57 5.09 1.88
C TRP A 123 16.04 5.49 2.05
N GLN A 124 16.63 5.18 3.20
CA GLN A 124 18.02 5.54 3.44
C GLN A 124 18.98 4.71 2.61
N GLU B 3 5.15 19.52 -5.41
CA GLU B 3 5.95 18.70 -4.53
C GLU B 3 5.56 17.23 -4.58
N TRP B 4 4.26 16.95 -4.60
CA TRP B 4 3.79 15.57 -4.74
C TRP B 4 3.63 15.19 -6.21
N GLY B 5 3.92 13.94 -6.52
CA GLY B 5 3.69 13.41 -7.85
C GLY B 5 2.22 13.13 -8.06
N PRO B 6 1.88 12.59 -9.24
CA PRO B 6 0.50 12.26 -9.60
C PRO B 6 0.02 11.00 -8.87
N TRP B 7 -1.29 10.86 -8.72
CA TRP B 7 -1.84 9.61 -8.24
C TRP B 7 -1.51 8.51 -9.24
N VAL B 8 -1.06 7.38 -8.74
CA VAL B 8 -0.81 6.22 -9.59
C VAL B 8 -1.73 5.11 -9.13
N NH2 B 9 -2.35 4.42 -10.07
C1 PDO C . -5.16 14.21 2.76
O1 PDO C . -6.09 14.73 1.88
C2 PDO C . -3.83 14.77 2.41
C3 PDO C . -2.81 14.31 3.39
O3 PDO C . -1.55 14.69 2.95
#